data_5IPE
#
_entry.id   5IPE
#
_cell.length_a   78.270
_cell.length_b   46.311
_cell.length_c   63.963
_cell.angle_alpha   90.000
_cell.angle_beta   94.720
_cell.angle_gamma   90.000
#
_symmetry.space_group_name_H-M   'C 1 2 1'
#
loop_
_entity.id
_entity.type
_entity.pdbx_description
1 polymer 'Histidine triad nucleotide-binding protein 1'
2 non-polymer "5'-S-phosphono-5'-thioguanosine"
3 non-polymer 'CHLORIDE ION'
4 non-polymer 1,2-ETHANEDIOL
5 water water
#
_entity_poly.entity_id   1
_entity_poly.type   'polypeptide(L)'
_entity_poly.pdbx_seq_one_letter_code
;SNAMADEIAKAQVARPGGDTIFGKIIRKEIPAKIIFEDDRCLAFHDISPQAPTHFLVIPKKHISQISVAEDDDESLLGHL
MIVGKKCAADLGLNKGYRMVVNEGSDGGQSVYHVHLHVLGGRQMHWPPG
;
_entity_poly.pdbx_strand_id   A,B
#
loop_
_chem_comp.id
_chem_comp.type
_chem_comp.name
_chem_comp.formula
6CG non-polymer 5'-S-phosphono-5'-thioguanosine 'C10 H14 N5 O7 P S'
CL non-polymer 'CHLORIDE ION' 'Cl -1'
EDO non-polymer 1,2-ETHANEDIOL 'C2 H6 O2'
#
# COMPACT_ATOMS: atom_id res chain seq x y z
N ARG A 15 6.55 -24.62 12.81
CA ARG A 15 7.08 -23.66 11.85
C ARG A 15 6.22 -22.39 11.78
N PRO A 16 6.63 -21.35 12.52
CA PRO A 16 5.86 -20.10 12.51
C PRO A 16 6.03 -19.33 11.20
N GLY A 17 4.94 -18.68 10.77
CA GLY A 17 4.90 -17.97 9.52
C GLY A 17 4.29 -18.74 8.37
N GLY A 18 4.07 -20.04 8.54
CA GLY A 18 3.45 -20.85 7.50
C GLY A 18 4.45 -21.35 6.48
N ASP A 19 3.92 -22.07 5.50
CA ASP A 19 4.75 -22.74 4.50
C ASP A 19 4.62 -22.17 3.09
N THR A 20 4.03 -20.98 2.92
CA THR A 20 4.22 -20.29 1.66
C THR A 20 5.70 -19.97 1.49
N ILE A 21 6.09 -19.65 0.26
CA ILE A 21 7.46 -19.24 -0.02
C ILE A 21 7.92 -18.16 0.97
N PHE A 22 7.02 -17.23 1.33
CA PHE A 22 7.42 -16.14 2.20
C PHE A 22 7.62 -16.60 3.64
N GLY A 23 6.80 -17.56 4.10
CA GLY A 23 7.03 -18.15 5.41
C GLY A 23 8.37 -18.85 5.48
N LYS A 24 8.76 -19.52 4.39
CA LYS A 24 10.05 -20.20 4.37
C LYS A 24 11.20 -19.22 4.30
N ILE A 25 11.03 -18.12 3.57
CA ILE A 25 12.05 -17.07 3.57
C ILE A 25 12.21 -16.48 4.97
N ILE A 26 11.10 -16.24 5.67
CA ILE A 26 11.17 -15.71 7.04
C ILE A 26 12.04 -16.60 7.93
N ARG A 27 11.91 -17.92 7.80
CA ARG A 27 12.65 -18.86 8.64
C ARG A 27 14.01 -19.24 8.07
N LYS A 28 14.49 -18.52 7.04
CA LYS A 28 15.81 -18.75 6.44
C LYS A 28 15.93 -20.13 5.80
N GLU A 29 14.80 -20.74 5.43
CA GLU A 29 14.80 -22.03 4.78
C GLU A 29 14.96 -21.93 3.27
N ILE A 30 14.63 -20.78 2.69
CA ILE A 30 14.86 -20.49 1.28
C ILE A 30 15.58 -19.15 1.24
N PRO A 31 16.62 -18.99 0.43
CA PRO A 31 17.41 -17.75 0.47
C PRO A 31 16.67 -16.59 -0.15
N ALA A 32 17.00 -15.40 0.35
CA ALA A 32 16.50 -14.16 -0.20
C ALA A 32 17.57 -13.09 0.02
N LYS A 33 17.44 -12.00 -0.72
CA LYS A 33 18.36 -10.88 -0.61
C LYS A 33 17.71 -9.87 0.33
N ILE A 34 18.09 -9.93 1.60
CA ILE A 34 17.39 -9.22 2.66
C ILE A 34 17.93 -7.81 2.79
N ILE A 35 17.03 -6.85 2.90
CA ILE A 35 17.35 -5.44 3.03
C ILE A 35 17.30 -5.00 4.49
N PHE A 36 16.27 -5.45 5.21
CA PHE A 36 16.00 -5.03 6.57
C PHE A 36 15.21 -6.12 7.26
N GLU A 37 15.46 -6.29 8.55
CA GLU A 37 14.71 -7.28 9.33
C GLU A 37 14.54 -6.74 10.74
N ASP A 38 13.31 -6.87 11.27
CA ASP A 38 13.07 -6.65 12.69
C ASP A 38 12.14 -7.74 13.20
N ASP A 39 11.63 -7.56 14.43
CA ASP A 39 10.80 -8.58 15.05
C ASP A 39 9.42 -8.70 14.40
N ARG A 40 9.00 -7.68 13.64
N ARG A 40 9.01 -7.68 13.63
CA ARG A 40 7.68 -7.65 13.04
CA ARG A 40 7.67 -7.65 13.05
C ARG A 40 7.67 -7.98 11.55
C ARG A 40 7.64 -7.83 11.54
N CYS A 41 8.76 -7.70 10.84
CA CYS A 41 8.70 -7.72 9.38
C CYS A 41 10.07 -7.98 8.78
N LEU A 42 10.05 -8.19 7.46
CA LEU A 42 11.24 -8.49 6.69
C LEU A 42 11.09 -7.81 5.34
N ALA A 43 12.15 -7.16 4.88
CA ALA A 43 12.18 -6.54 3.55
C ALA A 43 13.25 -7.21 2.72
N PHE A 44 12.90 -7.61 1.49
CA PHE A 44 13.83 -8.35 0.65
C PHE A 44 13.48 -8.08 -0.80
N HIS A 45 14.47 -8.26 -1.68
CA HIS A 45 14.28 -7.93 -3.08
C HIS A 45 13.39 -8.94 -3.79
N ASP A 46 12.60 -8.44 -4.75
CA ASP A 46 11.73 -9.31 -5.53
C ASP A 46 12.56 -10.06 -6.58
N ILE A 47 12.28 -11.36 -6.72
CA ILE A 47 13.02 -12.22 -7.64
C ILE A 47 12.69 -11.93 -9.10
N SER A 48 11.57 -11.27 -9.38
N SER A 48 11.57 -11.27 -9.38
CA SER A 48 11.17 -10.90 -10.74
CA SER A 48 11.17 -10.90 -10.74
C SER A 48 10.87 -9.41 -10.76
C SER A 48 10.87 -9.41 -10.76
N PRO A 49 11.90 -8.58 -10.69
CA PRO A 49 11.67 -7.14 -10.50
C PRO A 49 10.97 -6.50 -11.70
N GLN A 50 10.00 -5.64 -11.40
CA GLN A 50 9.25 -4.91 -12.41
C GLN A 50 9.70 -3.47 -12.54
N ALA A 51 10.73 -3.09 -11.79
CA ALA A 51 11.33 -1.77 -11.86
C ALA A 51 12.79 -1.95 -11.48
N PRO A 52 13.64 -0.97 -11.79
CA PRO A 52 15.07 -1.10 -11.45
C PRO A 52 15.32 -1.47 -9.99
N THR A 53 14.52 -0.93 -9.07
CA THR A 53 14.46 -1.39 -7.69
C THR A 53 13.05 -1.89 -7.41
N HIS A 54 12.93 -3.11 -6.89
CA HIS A 54 11.63 -3.69 -6.60
C HIS A 54 11.82 -4.64 -5.43
N PHE A 55 11.28 -4.27 -4.27
CA PHE A 55 11.40 -5.11 -3.09
C PHE A 55 10.03 -5.31 -2.45
N LEU A 56 10.02 -6.21 -1.46
CA LEU A 56 8.82 -6.60 -0.75
C LEU A 56 9.05 -6.36 0.74
N VAL A 57 8.01 -5.91 1.44
CA VAL A 57 8.01 -5.84 2.89
C VAL A 57 6.88 -6.72 3.39
N ILE A 58 7.22 -7.69 4.24
CA ILE A 58 6.22 -8.67 4.66
C ILE A 58 6.20 -8.76 6.18
N PRO A 59 5.04 -9.01 6.79
CA PRO A 59 5.01 -9.31 8.22
C PRO A 59 5.60 -10.68 8.49
N LYS A 60 6.20 -10.83 9.68
CA LYS A 60 6.56 -12.17 10.12
C LYS A 60 5.33 -12.96 10.56
N LYS A 61 4.33 -12.29 11.14
CA LYS A 61 3.05 -12.92 11.40
C LYS A 61 2.39 -13.30 10.08
N HIS A 62 1.87 -14.52 10.00
CA HIS A 62 1.19 -14.96 8.79
C HIS A 62 -0.23 -14.43 8.75
N ILE A 63 -0.50 -13.61 7.74
CA ILE A 63 -1.84 -13.15 7.37
C ILE A 63 -1.97 -13.48 5.89
N SER A 64 -3.04 -14.19 5.51
CA SER A 64 -3.11 -14.69 4.14
C SER A 64 -3.29 -13.57 3.12
N GLN A 65 -4.10 -12.57 3.44
CA GLN A 65 -4.44 -11.52 2.48
C GLN A 65 -5.02 -10.37 3.28
N ILE A 66 -4.96 -9.18 2.67
CA ILE A 66 -5.39 -7.98 3.38
C ILE A 66 -6.87 -8.06 3.72
N SER A 67 -7.66 -8.76 2.90
CA SER A 67 -9.10 -8.82 3.14
C SER A 67 -9.47 -9.52 4.44
N VAL A 68 -8.56 -10.29 5.03
CA VAL A 68 -8.83 -10.99 6.29
C VAL A 68 -8.01 -10.43 7.46
N ALA A 69 -7.32 -9.30 7.27
CA ALA A 69 -6.57 -8.71 8.38
C ALA A 69 -7.51 -8.25 9.48
N GLU A 70 -7.06 -8.40 10.71
CA GLU A 70 -7.86 -8.00 11.87
C GLU A 70 -7.65 -6.52 12.19
N ASP A 71 -8.62 -5.93 12.89
CA ASP A 71 -8.47 -4.54 13.32
C ASP A 71 -7.18 -4.34 14.11
N ASP A 72 -6.80 -5.33 14.93
CA ASP A 72 -5.60 -5.21 15.74
C ASP A 72 -4.33 -5.31 14.90
N ASP A 73 -4.44 -5.60 13.60
CA ASP A 73 -3.28 -5.62 12.73
C ASP A 73 -2.90 -4.25 12.20
N GLU A 74 -3.57 -3.18 12.63
CA GLU A 74 -3.35 -1.86 12.05
C GLU A 74 -1.90 -1.43 12.20
N SER A 75 -1.34 -1.51 13.41
CA SER A 75 0.03 -1.02 13.60
C SER A 75 1.01 -1.81 12.75
N LEU A 76 0.79 -3.12 12.63
CA LEU A 76 1.68 -3.96 11.84
C LEU A 76 1.64 -3.57 10.37
N LEU A 77 0.43 -3.36 9.82
CA LEU A 77 0.31 -2.94 8.43
C LEU A 77 0.96 -1.58 8.21
N GLY A 78 0.73 -0.64 9.12
CA GLY A 78 1.41 0.63 9.02
C GLY A 78 2.92 0.48 9.10
N HIS A 79 3.39 -0.46 9.94
CA HIS A 79 4.83 -0.69 10.05
C HIS A 79 5.42 -1.14 8.73
N LEU A 80 4.66 -1.93 7.94
CA LEU A 80 5.17 -2.31 6.63
C LEU A 80 5.44 -1.08 5.78
N MET A 81 4.57 -0.08 5.84
CA MET A 81 4.76 1.11 5.02
C MET A 81 5.90 1.98 5.54
N ILE A 82 6.03 2.08 6.87
CA ILE A 82 7.13 2.86 7.44
C ILE A 82 8.47 2.22 7.08
N VAL A 83 8.56 0.90 7.26
CA VAL A 83 9.77 0.18 6.85
C VAL A 83 10.00 0.32 5.35
N GLY A 84 8.93 0.21 4.55
CA GLY A 84 9.06 0.39 3.11
C GLY A 84 9.64 1.73 2.73
N LYS A 85 9.15 2.81 3.34
CA LYS A 85 9.68 4.13 2.98
C LYS A 85 11.10 4.33 3.50
N LYS A 86 11.44 3.75 4.66
CA LYS A 86 12.81 3.85 5.15
C LYS A 86 13.77 3.07 4.26
N CYS A 87 13.40 1.86 3.87
CA CYS A 87 14.25 1.09 2.95
C CYS A 87 14.40 1.79 1.61
N ALA A 88 13.33 2.40 1.10
CA ALA A 88 13.44 3.12 -0.16
C ALA A 88 14.45 4.25 -0.07
N ALA A 89 14.45 4.98 1.05
CA ALA A 89 15.44 6.04 1.22
C ALA A 89 16.85 5.46 1.33
N ASP A 90 17.00 4.36 2.08
CA ASP A 90 18.30 3.71 2.20
C ASP A 90 18.82 3.20 0.86
N LEU A 91 17.91 2.87 -0.06
CA LEU A 91 18.27 2.42 -1.39
C LEU A 91 18.40 3.56 -2.38
N GLY A 92 18.32 4.81 -1.92
CA GLY A 92 18.55 5.94 -2.79
C GLY A 92 17.44 6.26 -3.76
N LEU A 93 16.19 5.87 -3.47
CA LEU A 93 15.07 6.17 -4.35
C LEU A 93 14.56 7.59 -4.14
N ASN A 94 15.44 8.55 -4.44
CA ASN A 94 15.19 9.95 -4.13
C ASN A 94 14.16 10.61 -5.03
N LYS A 95 13.84 10.02 -6.18
CA LYS A 95 12.81 10.56 -7.05
C LYS A 95 11.43 9.98 -6.77
N GLY A 96 11.33 9.01 -5.88
CA GLY A 96 10.06 8.47 -5.46
C GLY A 96 9.94 6.99 -5.79
N TYR A 97 8.72 6.48 -5.59
CA TYR A 97 8.47 5.04 -5.68
C TYR A 97 6.97 4.82 -5.55
N ARG A 98 6.55 3.59 -5.81
CA ARG A 98 5.15 3.19 -5.68
C ARG A 98 5.06 1.98 -4.77
N MET A 99 4.12 2.03 -3.84
CA MET A 99 3.81 0.91 -2.95
C MET A 99 2.52 0.25 -3.42
N VAL A 100 2.49 -1.08 -3.40
CA VAL A 100 1.37 -1.83 -3.95
C VAL A 100 1.03 -3.02 -3.05
N VAL A 101 -0.24 -3.21 -2.75
CA VAL A 101 -0.74 -4.47 -2.18
C VAL A 101 -1.75 -5.07 -3.16
N ASN A 102 -1.53 -6.33 -3.51
CA ASN A 102 -2.44 -7.05 -4.41
C ASN A 102 -3.33 -7.95 -3.58
N GLU A 103 -4.63 -7.82 -3.72
CA GLU A 103 -5.60 -8.66 -3.01
C GLU A 103 -6.34 -9.56 -3.98
N GLY A 104 -6.25 -10.87 -3.77
CA GLY A 104 -7.10 -11.78 -4.49
C GLY A 104 -6.84 -11.83 -5.99
N SER A 105 -7.80 -12.43 -6.70
CA SER A 105 -7.61 -12.73 -8.12
C SER A 105 -7.55 -11.47 -8.96
N ASP A 106 -8.50 -10.55 -8.76
CA ASP A 106 -8.47 -9.31 -9.52
C ASP A 106 -7.27 -8.45 -9.17
N GLY A 107 -6.75 -8.59 -7.94
CA GLY A 107 -5.54 -7.88 -7.57
C GLY A 107 -4.27 -8.46 -8.14
N GLY A 108 -4.35 -9.68 -8.68
CA GLY A 108 -3.17 -10.37 -9.16
C GLY A 108 -2.40 -11.13 -8.10
N GLN A 109 -2.97 -11.33 -6.91
CA GLN A 109 -2.24 -11.95 -5.82
C GLN A 109 -1.83 -13.38 -6.18
N SER A 110 -0.55 -13.69 -5.99
CA SER A 110 -0.05 -15.03 -6.27
C SER A 110 0.57 -15.72 -5.08
N VAL A 111 0.84 -15.00 -3.99
CA VAL A 111 1.35 -15.59 -2.75
C VAL A 111 0.45 -15.12 -1.62
N TYR A 112 -0.18 -16.07 -0.92
CA TYR A 112 -1.14 -15.74 0.12
C TYR A 112 -0.49 -15.63 1.50
N HIS A 113 0.41 -14.65 1.56
CA HIS A 113 1.00 -14.14 2.78
C HIS A 113 1.17 -12.66 2.51
N VAL A 114 0.54 -11.81 3.34
CA VAL A 114 0.44 -10.38 3.04
C VAL A 114 1.81 -9.80 2.72
N HIS A 115 1.87 -8.94 1.71
CA HIS A 115 3.14 -8.31 1.36
C HIS A 115 2.90 -6.98 0.66
N LEU A 116 3.82 -6.05 0.91
CA LEU A 116 3.80 -4.74 0.27
C LEU A 116 4.93 -4.68 -0.74
N HIS A 117 4.60 -4.40 -2.00
CA HIS A 117 5.62 -4.15 -3.02
C HIS A 117 6.07 -2.70 -2.91
N VAL A 118 7.37 -2.46 -3.14
CA VAL A 118 7.91 -1.11 -3.31
C VAL A 118 8.71 -1.10 -4.60
N LEU A 119 8.33 -0.25 -5.54
CA LEU A 119 8.94 -0.19 -6.87
C LEU A 119 9.46 1.22 -7.14
N GLY A 120 10.68 1.31 -7.67
CA GLY A 120 11.18 2.61 -8.04
C GLY A 120 12.38 2.51 -8.96
N GLY A 121 13.03 3.65 -9.16
CA GLY A 121 14.16 3.72 -10.05
C GLY A 121 13.79 3.95 -11.50
N ARG A 122 12.51 4.14 -11.80
CA ARG A 122 12.04 4.55 -13.11
C ARG A 122 10.73 5.29 -12.91
N GLN A 123 10.29 5.97 -13.96
CA GLN A 123 8.98 6.59 -13.91
C GLN A 123 7.92 5.50 -13.89
N MET A 124 7.07 5.50 -12.86
CA MET A 124 5.90 4.62 -12.86
C MET A 124 4.75 5.30 -13.59
N HIS A 125 3.92 4.48 -14.23
CA HIS A 125 2.87 4.98 -15.12
C HIS A 125 1.50 4.84 -14.46
N TRP A 126 0.52 5.52 -15.06
CA TRP A 126 -0.87 5.45 -14.61
C TRP A 126 -1.72 4.98 -15.78
N PRO A 127 -2.67 4.07 -15.54
CA PRO A 127 -3.07 3.47 -14.26
C PRO A 127 -2.03 2.47 -13.76
N PRO A 128 -2.13 2.11 -12.48
CA PRO A 128 -1.16 1.18 -11.88
C PRO A 128 -1.52 -0.27 -12.18
N GLY A 129 -1.50 -0.62 -13.45
CA GLY A 129 -2.02 -1.90 -13.91
C GLY A 129 -3.52 -1.83 -14.14
N GLY B 18 1.43 23.50 2.72
CA GLY B 18 0.47 24.00 1.75
C GLY B 18 -0.78 23.15 1.64
N ASP B 19 -1.93 23.81 1.61
CA ASP B 19 -3.21 23.12 1.46
C ASP B 19 -3.30 22.48 0.08
N THR B 20 -4.14 21.45 -0.02
CA THR B 20 -4.39 20.77 -1.29
C THR B 20 -5.88 20.60 -1.48
N ILE B 21 -6.24 20.14 -2.68
CA ILE B 21 -7.65 19.85 -2.97
C ILE B 21 -8.21 18.80 -2.01
N PHE B 22 -7.37 17.88 -1.52
CA PHE B 22 -7.88 16.91 -0.55
C PHE B 22 -8.17 17.55 0.80
N GLY B 23 -7.43 18.60 1.16
CA GLY B 23 -7.79 19.38 2.34
C GLY B 23 -9.16 20.02 2.19
N LYS B 24 -9.47 20.54 0.99
CA LYS B 24 -10.78 21.13 0.75
C LYS B 24 -11.88 20.07 0.86
N ILE B 25 -11.60 18.86 0.40
CA ILE B 25 -12.58 17.78 0.48
C ILE B 25 -12.82 17.38 1.93
N ILE B 26 -11.75 17.24 2.71
CA ILE B 26 -11.89 16.95 4.14
C ILE B 26 -12.73 18.00 4.84
N ARG B 27 -12.52 19.27 4.49
CA ARG B 27 -13.24 20.36 5.14
C ARG B 27 -14.65 20.56 4.59
N LYS B 28 -15.05 19.73 3.62
CA LYS B 28 -16.37 19.77 2.99
C LYS B 28 -16.58 21.06 2.19
N GLU B 29 -15.49 21.70 1.77
CA GLU B 29 -15.59 22.92 0.98
C GLU B 29 -15.90 22.65 -0.47
N ILE B 30 -15.51 21.50 -1.01
CA ILE B 30 -15.92 21.10 -2.35
C ILE B 30 -16.50 19.70 -2.28
N PRO B 31 -17.39 19.30 -3.19
CA PRO B 31 -18.02 17.99 -3.07
C PRO B 31 -17.11 16.85 -3.49
N ALA B 32 -17.41 15.69 -2.89
CA ALA B 32 -16.86 14.40 -3.28
C ALA B 32 -17.88 13.35 -2.89
N LYS B 33 -17.81 12.19 -3.54
CA LYS B 33 -18.73 11.09 -3.23
C LYS B 33 -18.11 10.30 -2.09
N ILE B 34 -18.51 10.64 -0.87
CA ILE B 34 -17.91 10.09 0.33
C ILE B 34 -18.46 8.69 0.59
N ILE B 35 -17.57 7.75 0.85
CA ILE B 35 -17.91 6.37 1.14
C ILE B 35 -17.96 6.10 2.64
N PHE B 36 -17.00 6.67 3.37
CA PHE B 36 -16.87 6.43 4.80
C PHE B 36 -16.08 7.57 5.42
N GLU B 37 -16.38 7.86 6.69
CA GLU B 37 -15.64 8.87 7.42
C GLU B 37 -15.56 8.44 8.87
N ASP B 38 -14.45 8.75 9.52
CA ASP B 38 -14.37 8.64 10.97
C ASP B 38 -13.65 9.88 11.51
N ASP B 39 -13.13 9.81 12.73
CA ASP B 39 -12.47 10.96 13.33
C ASP B 39 -11.08 11.22 12.74
N ARG B 40 -10.53 10.29 11.95
CA ARG B 40 -9.14 10.40 11.54
C ARG B 40 -8.90 10.12 10.07
N CYS B 41 -9.92 9.76 9.31
CA CYS B 41 -9.73 9.49 7.88
C CYS B 41 -11.03 9.69 7.14
N LEU B 42 -10.91 9.70 5.81
CA LEU B 42 -12.04 9.90 4.91
C LEU B 42 -11.79 9.05 3.68
N ALA B 43 -12.84 8.34 3.24
CA ALA B 43 -12.78 7.56 2.02
C ALA B 43 -13.80 8.09 1.02
N PHE B 44 -13.40 8.24 -0.24
CA PHE B 44 -14.26 8.85 -1.25
C PHE B 44 -13.84 8.38 -2.63
N HIS B 45 -14.79 8.38 -3.55
CA HIS B 45 -14.50 7.91 -4.89
C HIS B 45 -13.57 8.87 -5.62
N ASP B 46 -12.63 8.31 -6.37
CA ASP B 46 -11.69 9.11 -7.15
C ASP B 46 -12.43 9.78 -8.31
N ILE B 47 -12.12 11.07 -8.53
CA ILE B 47 -12.79 11.80 -9.60
C ILE B 47 -12.33 11.36 -10.98
N SER B 48 -11.19 10.70 -11.09
CA SER B 48 -10.66 10.20 -12.35
C SER B 48 -10.45 8.70 -12.24
N PRO B 49 -11.53 7.93 -12.20
CA PRO B 49 -11.38 6.50 -11.85
C PRO B 49 -10.67 5.72 -12.94
N GLN B 50 -9.79 4.81 -12.52
CA GLN B 50 -9.02 3.95 -13.40
C GLN B 50 -9.50 2.51 -13.41
N ALA B 51 -10.61 2.23 -12.72
CA ALA B 51 -11.22 0.92 -12.67
C ALA B 51 -12.68 1.12 -12.36
N PRO B 52 -13.52 0.10 -12.56
CA PRO B 52 -14.95 0.27 -12.25
C PRO B 52 -15.22 0.75 -10.83
N THR B 53 -14.40 0.34 -9.87
CA THR B 53 -14.38 0.90 -8.53
C THR B 53 -12.99 1.44 -8.28
N HIS B 54 -12.90 2.73 -7.94
CA HIS B 54 -11.62 3.35 -7.65
C HIS B 54 -11.89 4.45 -6.63
N PHE B 55 -11.46 4.22 -5.39
CA PHE B 55 -11.64 5.19 -4.33
C PHE B 55 -10.32 5.43 -3.60
N LEU B 56 -10.32 6.48 -2.78
CA LEU B 56 -9.16 6.89 -1.99
C LEU B 56 -9.52 6.82 -0.52
N VAL B 57 -8.53 6.48 0.31
CA VAL B 57 -8.62 6.62 1.76
C VAL B 57 -7.50 7.55 2.18
N ILE B 58 -7.85 8.65 2.84
CA ILE B 58 -6.86 9.67 3.19
C ILE B 58 -6.93 9.97 4.69
N PRO B 59 -5.80 10.25 5.33
CA PRO B 59 -5.85 10.70 6.72
C PRO B 59 -6.32 12.14 6.79
N LYS B 60 -6.97 12.49 7.89
CA LYS B 60 -7.30 13.89 8.09
C LYS B 60 -6.07 14.71 8.45
N LYS B 61 -5.09 14.09 9.11
CA LYS B 61 -3.81 14.74 9.36
C LYS B 61 -3.10 14.99 8.03
N HIS B 62 -2.58 16.21 7.84
CA HIS B 62 -1.90 16.55 6.58
C HIS B 62 -0.48 16.00 6.62
N ILE B 63 -0.33 14.75 6.22
CA ILE B 63 0.97 14.18 5.89
C ILE B 63 1.12 14.34 4.39
N SER B 64 2.15 15.08 3.96
CA SER B 64 2.24 15.44 2.56
C SER B 64 2.59 14.25 1.67
N GLN B 65 3.36 13.30 2.18
CA GLN B 65 3.82 12.17 1.38
C GLN B 65 4.35 11.12 2.32
N ILE B 66 4.28 9.85 1.88
CA ILE B 66 4.66 8.75 2.74
C ILE B 66 6.10 8.86 3.19
N SER B 67 6.97 9.46 2.36
CA SER B 67 8.39 9.55 2.72
C SER B 67 8.64 10.40 3.96
N VAL B 68 7.71 11.27 4.35
CA VAL B 68 7.86 12.08 5.55
C VAL B 68 7.01 11.61 6.71
N ALA B 69 6.31 10.49 6.56
CA ALA B 69 5.52 9.96 7.67
C ALA B 69 6.43 9.63 8.85
N GLU B 70 5.94 9.92 10.05
CA GLU B 70 6.69 9.69 11.27
C GLU B 70 6.35 8.31 11.83
N ASP B 71 7.23 7.82 12.72
CA ASP B 71 7.02 6.51 13.33
C ASP B 71 5.69 6.45 14.07
N ASP B 72 5.31 7.54 14.74
CA ASP B 72 4.07 7.60 15.49
C ASP B 72 2.83 7.54 14.59
N ASP B 73 3.00 7.71 13.28
CA ASP B 73 1.91 7.62 12.31
C ASP B 73 1.61 6.19 11.90
N GLU B 74 2.35 5.22 12.45
CA GLU B 74 2.24 3.84 11.96
C GLU B 74 0.82 3.33 12.06
N SER B 75 0.19 3.49 13.22
CA SER B 75 -1.16 2.97 13.41
C SER B 75 -2.14 3.65 12.47
N LEU B 76 -1.99 4.96 12.27
CA LEU B 76 -2.86 5.70 11.37
C LEU B 76 -2.74 5.19 9.93
N LEU B 77 -1.53 4.95 9.47
CA LEU B 77 -1.35 4.42 8.12
C LEU B 77 -1.99 3.04 7.98
N GLY B 78 -1.81 2.18 8.97
CA GLY B 78 -2.49 0.90 8.95
C GLY B 78 -4.00 1.05 8.98
N HIS B 79 -4.48 2.06 9.71
CA HIS B 79 -5.92 2.36 9.71
C HIS B 79 -6.45 2.67 8.33
N LEU B 80 -5.68 3.39 7.51
CA LEU B 80 -6.12 3.62 6.13
C LEU B 80 -6.33 2.31 5.38
N MET B 81 -5.45 1.32 5.60
CA MET B 81 -5.58 0.05 4.90
C MET B 81 -6.76 -0.77 5.42
N ILE B 82 -6.98 -0.78 6.73
CA ILE B 82 -8.13 -1.49 7.28
C ILE B 82 -9.44 -0.86 6.82
N VAL B 83 -9.53 0.48 6.88
CA VAL B 83 -10.69 1.16 6.31
C VAL B 83 -10.84 0.85 4.83
N GLY B 84 -9.73 0.89 4.10
CA GLY B 84 -9.78 0.55 2.68
C GLY B 84 -10.33 -0.84 2.41
N LYS B 85 -9.86 -1.84 3.18
CA LYS B 85 -10.35 -3.19 2.91
C LYS B 85 -11.81 -3.35 3.32
N LYS B 86 -12.23 -2.65 4.38
CA LYS B 86 -13.64 -2.71 4.77
C LYS B 86 -14.53 -2.02 3.73
N CYS B 87 -14.11 -0.86 3.23
CA CYS B 87 -14.87 -0.20 2.16
C CYS B 87 -14.92 -1.06 0.91
N ALA B 88 -13.81 -1.73 0.58
CA ALA B 88 -13.81 -2.59 -0.60
C ALA B 88 -14.84 -3.71 -0.47
N ALA B 89 -14.93 -4.32 0.72
CA ALA B 89 -15.94 -5.36 0.95
C ALA B 89 -17.35 -4.78 0.82
N ASP B 90 -17.58 -3.61 1.42
CA ASP B 90 -18.90 -2.98 1.32
C ASP B 90 -19.26 -2.59 -0.11
N LEU B 91 -18.26 -2.31 -0.94
CA LEU B 91 -18.50 -1.97 -2.33
C LEU B 91 -18.59 -3.21 -3.22
N GLY B 92 -18.55 -4.41 -2.64
CA GLY B 92 -18.76 -5.62 -3.38
C GLY B 92 -17.56 -6.15 -4.12
N LEU B 93 -16.35 -5.77 -3.71
CA LEU B 93 -15.13 -6.19 -4.40
C LEU B 93 -14.66 -7.57 -3.91
N ASN B 94 -15.52 -8.57 -4.13
CA ASN B 94 -15.27 -9.92 -3.63
C ASN B 94 -14.23 -10.69 -4.44
N LYS B 95 -13.89 -10.23 -5.64
CA LYS B 95 -12.86 -10.88 -6.45
C LYS B 95 -11.47 -10.30 -6.24
N GLY B 96 -11.34 -9.27 -5.40
CA GLY B 96 -10.06 -8.69 -5.08
C GLY B 96 -9.94 -7.25 -5.55
N TYR B 97 -8.74 -6.71 -5.35
CA TYR B 97 -8.49 -5.29 -5.63
C TYR B 97 -7.00 -5.04 -5.46
N ARG B 98 -6.58 -3.83 -5.82
CA ARG B 98 -5.20 -3.40 -5.64
C ARG B 98 -5.17 -2.11 -4.85
N MET B 99 -4.30 -2.05 -3.85
CA MET B 99 -4.06 -0.86 -3.07
C MET B 99 -2.74 -0.23 -3.51
N VAL B 100 -2.71 1.10 -3.62
CA VAL B 100 -1.53 1.78 -4.14
C VAL B 100 -1.28 3.05 -3.34
N VAL B 101 -0.02 3.27 -2.95
CA VAL B 101 0.43 4.57 -2.46
C VAL B 101 1.54 5.05 -3.38
N ASN B 102 1.38 6.24 -3.94
CA ASN B 102 2.40 6.85 -4.79
C ASN B 102 3.22 7.86 -4.00
N GLU B 103 4.53 7.86 -4.24
CA GLU B 103 5.45 8.81 -3.62
C GLU B 103 6.25 9.52 -4.69
N GLY B 104 6.17 10.85 -4.70
CA GLY B 104 7.07 11.62 -5.53
C GLY B 104 6.82 11.53 -7.03
N SER B 105 7.76 12.10 -7.76
N SER B 105 7.76 12.09 -7.78
CA SER B 105 7.64 12.19 -9.21
CA SER B 105 7.57 12.18 -9.22
C SER B 105 7.64 10.82 -9.87
C SER B 105 7.64 10.80 -9.89
N ASP B 106 8.63 9.99 -9.52
CA ASP B 106 8.70 8.65 -10.09
C ASP B 106 7.49 7.81 -9.69
N GLY B 107 6.96 8.02 -8.49
CA GLY B 107 5.77 7.31 -8.08
C GLY B 107 4.50 7.79 -8.72
N GLY B 108 4.53 8.92 -9.41
CA GLY B 108 3.34 9.48 -10.00
C GLY B 108 2.37 10.09 -9.01
N GLN B 109 2.88 10.55 -7.86
CA GLN B 109 1.99 11.11 -6.83
C GLN B 109 1.35 12.39 -7.35
N SER B 110 0.02 12.43 -7.35
CA SER B 110 -0.71 13.53 -8.01
C SER B 110 -1.09 14.65 -7.06
N VAL B 111 -1.23 14.36 -5.77
CA VAL B 111 -1.60 15.33 -4.75
C VAL B 111 -0.69 15.11 -3.56
N TYR B 112 -0.12 16.18 -3.02
CA TYR B 112 0.80 16.07 -1.89
C TYR B 112 0.05 16.09 -0.56
N HIS B 113 -0.81 15.09 -0.45
CA HIS B 113 -1.50 14.69 0.78
C HIS B 113 -1.59 13.17 0.66
N VAL B 114 -1.00 12.45 1.61
N VAL B 114 -1.04 12.46 1.65
CA VAL B 114 -0.87 11.00 1.44
CA VAL B 114 -0.98 11.00 1.59
C VAL B 114 -2.24 10.37 1.28
C VAL B 114 -2.35 10.43 1.24
N HIS B 115 -2.37 9.48 0.29
CA HIS B 115 -3.63 8.86 -0.07
C HIS B 115 -3.40 7.43 -0.51
N LEU B 116 -4.29 6.54 -0.06
CA LEU B 116 -4.27 5.14 -0.46
C LEU B 116 -5.33 4.93 -1.55
N HIS B 117 -4.90 4.55 -2.75
CA HIS B 117 -5.83 4.18 -3.80
C HIS B 117 -6.30 2.75 -3.57
N VAL B 118 -7.58 2.50 -3.84
CA VAL B 118 -8.12 1.14 -3.88
C VAL B 118 -8.85 0.97 -5.20
N LEU B 119 -8.42 0.01 -6.01
CA LEU B 119 -8.95 -0.19 -7.35
C LEU B 119 -9.43 -1.63 -7.53
N GLY B 120 -10.60 -1.80 -8.12
CA GLY B 120 -11.07 -3.12 -8.46
C GLY B 120 -12.24 -3.06 -9.40
N GLY B 121 -12.93 -4.20 -9.51
CA GLY B 121 -14.00 -4.36 -10.47
C GLY B 121 -13.54 -4.74 -11.85
N ARG B 122 -12.24 -4.95 -12.02
CA ARG B 122 -11.65 -5.46 -13.25
C ARG B 122 -10.37 -6.17 -12.87
N GLN B 123 -9.83 -6.96 -13.81
CA GLN B 123 -8.52 -7.54 -13.60
C GLN B 123 -7.47 -6.44 -13.59
N MET B 124 -6.68 -6.37 -12.51
CA MET B 124 -5.53 -5.50 -12.48
C MET B 124 -4.33 -6.26 -13.04
N HIS B 125 -3.42 -5.53 -13.71
CA HIS B 125 -2.39 -6.15 -14.51
C HIS B 125 -1.00 -5.93 -13.91
N TRP B 126 -0.02 -6.63 -14.48
CA TRP B 126 1.34 -6.57 -13.98
C TRP B 126 2.23 -6.28 -15.19
N PRO B 127 3.17 -5.32 -15.06
CA PRO B 127 3.51 -4.54 -13.86
C PRO B 127 2.44 -3.53 -13.46
N PRO B 128 2.49 -3.04 -12.20
CA PRO B 128 1.50 -2.07 -11.73
C PRO B 128 1.87 -0.64 -12.12
N GLY B 129 1.93 -0.40 -13.44
CA GLY B 129 2.45 0.85 -13.96
C GLY B 129 3.95 0.76 -14.19
C2 6CG C . 11.56 -13.63 -3.92
C4 6CG C . 9.44 -13.96 -4.85
C5 6CG C . 9.61 -15.41 -4.72
C6 6CG C . 10.88 -15.89 -4.15
N1 6CG C . 11.77 -14.96 -3.79
N2 6CG C . 12.54 -12.79 -3.53
N3 6CG C . 10.43 -13.13 -4.45
C8 6CG C . 7.66 -14.97 -5.59
C1' 6CG C . 7.67 -12.46 -5.71
C3' 6CG C . 6.05 -11.52 -7.18
C4' 6CG C . 5.47 -11.64 -5.79
C5' 6CG C . 4.28 -12.59 -5.79
O6 6CG C . 11.10 -17.12 -4.01
N7 6CG C . 8.48 -15.97 -5.20
N9 6CG C . 8.24 -13.77 -5.38
O4' 6CG C . 6.49 -12.20 -4.95
C2' 6CG C . 7.20 -12.52 -7.16
O2' 6CG C . 8.25 -12.19 -8.08
O3' 6CG C . 6.48 -10.17 -7.41
S5' 6CG C . 2.97 -12.05 -6.85
P 6CG C . 1.62 -11.03 -5.68
O1P 6CG C . 0.97 -11.98 -4.70
O2P 6CG C . 0.65 -10.46 -6.69
O3P 6CG C . 2.41 -9.97 -4.98
CL CL D . -1.31 9.74 -6.70
C1 EDO E . -20.51 19.05 -0.12
O1 EDO E . -21.33 19.62 -1.15
C2 EDO E . -19.09 19.62 -0.18
O2 EDO E . -19.10 21.01 -0.56
C1 EDO F . 1.09 -11.09 -10.40
O1 EDO F . 0.21 -9.98 -10.20
C2 EDO F . 2.51 -10.66 -10.06
O2 EDO F . 2.52 -10.05 -8.76
#